data_6OQ4
#
_entry.id   6OQ4
#
_cell.length_a   57.350
_cell.length_b   77.410
_cell.length_c   58.620
_cell.angle_alpha   90.000
_cell.angle_beta   91.640
_cell.angle_gamma   90.000
#
_symmetry.space_group_name_H-M   'P 1 21 1'
#
loop_
_entity.id
_entity.type
_entity.pdbx_description
1 polymer 'Krev interaction trapped protein 1'
2 polymer 'Ras-related protein Rap-1b'
3 non-polymer 2-{(Z)-[(2-hydroxynaphthalen-1-yl)methylidene]amino}-N-[(1S)-1-phenylethyl]benzamide
4 non-polymer 'MAGNESIUM ION'
5 non-polymer 'PHOSPHOAMINOPHOSPHONIC ACID-GUANYLATE ESTER'
6 water water
#
loop_
_entity_poly.entity_id
_entity_poly.type
_entity_poly.pdbx_seq_one_letter_code
_entity_poly.pdbx_strand_id
1 'polypeptide(L)'
;GAKPYEKVRIYRMDGSYRSVELKHGNNTTVQQIMEGMRLSQETQQYFTIWICSENLSLQLKPYHKPLQHVRDWPEILAEL
TNLDPQRETPQLFLRRDVRLPLEVEKQIEDPLAILILFDEARYNLLKGFYTAPDAKLITLASLLLQIVYGNYESKKHKQG
FLNEENLKSIVPVTKLKSKAPHWTNRILHEYKNLSTSEGVSKEMHHLQRMFLQNCWEIPTYGAAFFTGQIFTKASPSNHK
VIPVYVGVNIKGLHLLNMETKALLISLKYGCFMWQLGDTDTCFQIHSMENKMSFIVHTKQAGLVVKLLMKLNGQLMPTER
NS
;
A
2 'polypeptide(L)'
;MREYKLVVLGSGGVGKSALTVQFVQGIFVEKYDPTIEDSYRKQVEVDAQQCMLEILDTAGTEQFTAMRDLYMKNGQGFAL
VYSITAQSTFNDLQDLREQILRVKDTDDVPMILVGNKCDLEDERVVGKEQGQNLARQWNNCAFLESSAKSKINVNEIFYD
LVRQINR
;
B
#
loop_
_chem_comp.id
_chem_comp.type
_chem_comp.name
_chem_comp.formula
GNP non-polymer 'PHOSPHOAMINOPHOSPHONIC ACID-GUANYLATE ESTER' 'C10 H17 N6 O13 P3'
MG non-polymer 'MAGNESIUM ION' 'Mg 2'
N0G non-polymer 2-{(Z)-[(2-hydroxynaphthalen-1-yl)methylidene]amino}-N-[(1S)-1-phenylethyl]benzamide 'C26 H22 N2 O2'
#
# COMPACT_ATOMS: atom_id res chain seq x y z
N LYS A 3 -20.58 20.08 1.07
CA LYS A 3 -21.64 19.01 1.02
C LYS A 3 -21.78 18.47 -0.40
N PRO A 4 -21.96 19.32 -1.45
CA PRO A 4 -22.06 18.82 -2.82
C PRO A 4 -20.69 18.77 -3.51
N TYR A 5 -19.63 18.55 -2.73
CA TYR A 5 -18.21 18.55 -3.17
C TYR A 5 -17.90 17.23 -3.89
N GLU A 6 -17.08 17.30 -4.94
CA GLU A 6 -16.52 16.11 -5.63
C GLU A 6 -15.32 15.60 -4.83
N LYS A 7 -15.07 14.29 -4.87
CA LYS A 7 -13.95 13.64 -4.17
C LYS A 7 -13.45 12.46 -5.02
N VAL A 8 -12.22 12.03 -4.78
CA VAL A 8 -11.60 10.86 -5.48
C VAL A 8 -10.86 10.01 -4.45
N ARG A 9 -10.85 8.70 -4.67
CA ARG A 9 -10.00 7.74 -3.91
C ARG A 9 -8.63 7.68 -4.56
N ILE A 10 -7.58 7.97 -3.78
CA ILE A 10 -6.17 7.74 -4.17
C ILE A 10 -5.72 6.43 -3.50
N TYR A 11 -5.49 5.39 -4.28
CA TYR A 11 -5.14 4.03 -3.80
C TYR A 11 -3.63 3.93 -3.59
N ARG A 12 -3.22 2.96 -2.78
CA ARG A 12 -1.82 2.48 -2.71
C ARG A 12 -1.80 1.00 -3.11
N MET A 13 -0.62 0.43 -3.32
CA MET A 13 -0.45 -0.91 -3.94
C MET A 13 -1.08 -2.00 -3.05
N ASP A 14 -1.21 -1.75 -1.74
CA ASP A 14 -1.77 -2.73 -0.76
C ASP A 14 -3.30 -2.74 -0.83
N GLY A 15 -3.93 -1.84 -1.61
CA GLY A 15 -5.39 -1.80 -1.79
C GLY A 15 -6.05 -0.81 -0.82
N SER A 16 -5.26 -0.17 0.04
CA SER A 16 -5.71 0.95 0.90
C SER A 16 -5.98 2.18 0.03
N TYR A 17 -6.78 3.13 0.51
CA TYR A 17 -7.03 4.41 -0.21
C TYR A 17 -7.28 5.53 0.79
N ARG A 18 -7.06 6.75 0.32
CA ARG A 18 -7.42 8.02 1.00
C ARG A 18 -8.30 8.83 0.05
N SER A 19 -9.50 9.19 0.50
CA SER A 19 -10.42 10.10 -0.23
C SER A 19 -9.91 11.55 -0.09
N VAL A 20 -9.83 12.26 -1.22
CA VAL A 20 -9.32 13.66 -1.30
C VAL A 20 -10.43 14.49 -1.95
N GLU A 21 -10.75 15.66 -1.37
CA GLU A 21 -11.73 16.60 -1.98
C GLU A 21 -11.12 17.17 -3.27
N LEU A 22 -11.91 17.19 -4.34
CA LEU A 22 -11.56 17.86 -5.62
C LEU A 22 -12.11 19.29 -5.59
N LYS A 23 -11.27 20.26 -5.26
CA LYS A 23 -11.68 21.67 -5.05
C LYS A 23 -12.03 22.34 -6.39
N HIS A 24 -11.56 21.79 -7.52
CA HIS A 24 -11.84 22.30 -8.88
C HIS A 24 -12.40 21.18 -9.78
N GLY A 25 -13.16 20.26 -9.20
CA GLY A 25 -13.77 19.13 -9.93
C GLY A 25 -12.75 18.39 -10.77
N ASN A 26 -13.06 18.11 -12.04
CA ASN A 26 -12.19 17.33 -12.95
C ASN A 26 -11.01 18.20 -13.43
N ASN A 27 -11.01 19.50 -13.12
CA ASN A 27 -9.88 20.42 -13.45
C ASN A 27 -8.88 20.48 -12.29
N THR A 28 -9.12 19.73 -11.20
CA THR A 28 -8.18 19.59 -10.06
C THR A 28 -6.90 18.90 -10.57
N THR A 29 -5.74 19.46 -10.25
CA THR A 29 -4.41 18.96 -10.72
C THR A 29 -3.84 17.96 -9.72
N VAL A 30 -2.78 17.26 -10.13
CA VAL A 30 -1.97 16.33 -9.29
C VAL A 30 -1.44 17.12 -8.07
N GLN A 31 -0.85 18.29 -8.31
CA GLN A 31 -0.29 19.18 -7.25
C GLN A 31 -1.36 19.43 -6.18
N GLN A 32 -2.58 19.77 -6.59
CA GLN A 32 -3.70 20.12 -5.68
C GLN A 32 -4.15 18.86 -4.91
N ILE A 33 -4.18 17.71 -5.57
CA ILE A 33 -4.54 16.40 -4.93
C ILE A 33 -3.46 16.02 -3.92
N MET A 34 -2.17 16.17 -4.29
CA MET A 34 -1.01 15.85 -3.41
C MET A 34 -1.09 16.69 -2.12
N GLU A 35 -1.50 17.95 -2.24
CA GLU A 35 -1.72 18.87 -1.09
C GLU A 35 -2.88 18.34 -0.23
N GLY A 36 -3.89 17.75 -0.88
CA GLY A 36 -5.09 17.16 -0.22
C GLY A 36 -4.77 15.91 0.58
N MET A 37 -3.63 15.26 0.34
CA MET A 37 -3.18 14.03 1.06
C MET A 37 -2.72 14.43 2.48
N ARG A 38 -2.58 13.46 3.38
CA ARG A 38 -2.09 13.65 4.78
C ARG A 38 -0.57 13.44 4.81
N LEU A 39 0.16 14.14 3.95
CA LEU A 39 1.64 14.03 3.82
C LEU A 39 2.27 15.39 4.09
N SER A 40 3.32 15.43 4.92
CA SER A 40 4.24 16.58 5.04
C SER A 40 5.02 16.73 3.73
N GLN A 41 5.75 17.84 3.56
CA GLN A 41 6.65 18.03 2.39
C GLN A 41 7.82 17.04 2.49
N GLU A 42 8.15 16.59 3.69
CA GLU A 42 9.17 15.53 3.93
C GLU A 42 8.70 14.23 3.29
N THR A 43 7.41 13.89 3.39
CA THR A 43 6.82 12.64 2.83
C THR A 43 6.49 12.84 1.35
N GLN A 44 5.97 14.01 0.95
CA GLN A 44 5.34 14.27 -0.38
C GLN A 44 6.35 14.16 -1.53
N GLN A 45 7.57 14.67 -1.34
CA GLN A 45 8.56 14.93 -2.43
C GLN A 45 8.97 13.64 -3.15
N TYR A 46 8.75 12.47 -2.54
CA TYR A 46 9.23 11.15 -3.03
C TYR A 46 8.18 10.46 -3.90
N PHE A 47 6.95 10.98 -3.91
CA PHE A 47 5.76 10.31 -4.48
C PHE A 47 5.03 11.26 -5.42
N THR A 48 4.20 10.68 -6.29
CA THR A 48 3.26 11.44 -7.14
C THR A 48 2.07 10.54 -7.49
N ILE A 49 1.11 11.10 -8.19
CA ILE A 49 -0.13 10.39 -8.62
C ILE A 49 0.18 9.66 -9.92
N TRP A 50 -0.14 8.36 -9.95
CA TRP A 50 -0.16 7.54 -11.18
C TRP A 50 -1.61 7.24 -11.54
N ILE A 51 -1.89 7.08 -12.83
CA ILE A 51 -3.18 6.51 -13.33
C ILE A 51 -2.86 5.12 -13.90
N CYS A 52 -3.56 4.10 -13.39
CA CYS A 52 -3.27 2.67 -13.68
C CYS A 52 -4.58 1.91 -13.93
N SER A 53 -4.64 1.18 -15.03
CA SER A 53 -5.55 0.03 -15.26
C SER A 53 -4.67 -1.23 -15.32
N GLU A 54 -5.27 -2.41 -15.48
CA GLU A 54 -4.55 -3.72 -15.35
C GLU A 54 -3.35 -3.76 -16.31
N ASN A 55 -3.44 -3.13 -17.49
CA ASN A 55 -2.46 -3.31 -18.59
C ASN A 55 -1.82 -1.98 -19.02
N LEU A 56 -2.00 -0.90 -18.26
CA LEU A 56 -1.29 0.39 -18.51
C LEU A 56 -1.18 1.19 -17.21
N SER A 57 0.05 1.57 -16.83
CA SER A 57 0.37 2.46 -15.70
C SER A 57 1.14 3.68 -16.21
N LEU A 58 0.65 4.89 -15.93
CA LEU A 58 1.30 6.16 -16.30
C LEU A 58 1.55 7.01 -15.05
N GLN A 59 2.77 7.50 -14.86
CA GLN A 59 3.05 8.57 -13.87
C GLN A 59 2.55 9.89 -14.42
N LEU A 60 1.71 10.60 -13.67
CA LEU A 60 1.21 11.95 -14.03
C LEU A 60 2.14 13.01 -13.42
N LYS A 61 2.12 14.21 -13.99
CA LYS A 61 2.97 15.36 -13.59
C LYS A 61 2.11 16.34 -12.80
N PRO A 62 2.73 17.23 -11.99
CA PRO A 62 1.98 18.15 -11.12
C PRO A 62 0.85 18.93 -11.81
N TYR A 63 1.03 19.25 -13.10
CA TYR A 63 0.11 20.11 -13.90
C TYR A 63 -1.04 19.27 -14.48
N HIS A 64 -0.86 17.95 -14.61
CA HIS A 64 -1.88 17.03 -15.19
C HIS A 64 -3.16 17.08 -14.37
N LYS A 65 -4.30 16.82 -15.03
CA LYS A 65 -5.65 16.75 -14.41
C LYS A 65 -6.09 15.29 -14.42
N PRO A 66 -5.82 14.52 -13.34
CA PRO A 66 -6.03 13.06 -13.35
C PRO A 66 -7.42 12.59 -13.75
N LEU A 67 -8.47 13.31 -13.36
CA LEU A 67 -9.88 12.91 -13.62
C LEU A 67 -10.18 13.03 -15.13
N GLN A 68 -9.50 13.94 -15.83
CA GLN A 68 -9.63 14.08 -17.31
C GLN A 68 -8.92 12.90 -17.99
N HIS A 69 -7.84 12.39 -17.41
CA HIS A 69 -7.13 11.16 -17.89
C HIS A 69 -8.04 9.94 -17.70
N VAL A 70 -8.73 9.85 -16.56
CA VAL A 70 -9.76 8.80 -16.29
C VAL A 70 -10.82 8.90 -17.40
N ARG A 71 -11.35 10.09 -17.63
CA ARG A 71 -12.40 10.37 -18.65
C ARG A 71 -11.92 9.93 -20.03
N ASP A 72 -10.66 10.23 -20.37
CA ASP A 72 -10.09 10.04 -21.74
C ASP A 72 -9.36 8.70 -21.85
N TRP A 73 -9.53 7.79 -20.88
CA TRP A 73 -8.71 6.55 -20.77
C TRP A 73 -8.86 5.67 -22.01
N PRO A 74 -10.08 5.45 -22.56
CA PRO A 74 -10.23 4.64 -23.77
C PRO A 74 -9.38 5.17 -24.94
N GLU A 75 -9.29 6.49 -25.09
CA GLU A 75 -8.52 7.15 -26.17
C GLU A 75 -7.02 7.01 -25.88
N ILE A 76 -6.63 7.09 -24.60
CA ILE A 76 -5.21 6.95 -24.16
C ILE A 76 -4.76 5.51 -24.43
N LEU A 77 -5.59 4.52 -24.09
CA LEU A 77 -5.34 3.07 -24.35
C LEU A 77 -5.14 2.84 -25.86
N ALA A 78 -6.02 3.43 -26.68
CA ALA A 78 -6.00 3.29 -28.16
C ALA A 78 -4.70 3.88 -28.72
N GLU A 79 -4.20 4.95 -28.11
CA GLU A 79 -2.98 5.68 -28.55
C GLU A 79 -1.73 4.88 -28.17
N LEU A 80 -1.70 4.30 -26.97
CA LEU A 80 -0.46 3.75 -26.34
C LEU A 80 -0.43 2.21 -26.37
N THR A 81 -1.55 1.56 -26.63
CA THR A 81 -1.68 0.08 -26.53
C THR A 81 -2.57 -0.47 -27.66
N ASN A 82 -2.70 -1.80 -27.72
CA ASN A 82 -3.61 -2.54 -28.63
C ASN A 82 -4.64 -3.31 -27.79
N LEU A 83 -4.89 -2.86 -26.56
CA LEU A 83 -5.88 -3.49 -25.62
C LEU A 83 -7.28 -3.03 -26.02
N ASP A 84 -8.31 -3.72 -25.51
CA ASP A 84 -9.72 -3.27 -25.63
C ASP A 84 -10.09 -2.60 -24.31
N PRO A 85 -10.60 -1.36 -24.36
CA PRO A 85 -10.97 -0.61 -23.15
C PRO A 85 -12.05 -1.18 -22.20
N GLN A 86 -12.76 -2.25 -22.56
CA GLN A 86 -13.85 -2.82 -21.71
C GLN A 86 -13.29 -3.32 -20.39
N ARG A 87 -12.10 -3.92 -20.42
CA ARG A 87 -11.48 -4.55 -19.24
C ARG A 87 -10.77 -3.49 -18.40
N GLU A 88 -10.64 -2.28 -18.91
CA GLU A 88 -9.81 -1.24 -18.25
C GLU A 88 -10.66 -0.01 -17.91
N THR A 89 -11.09 0.05 -16.65
CA THR A 89 -11.42 1.31 -15.95
C THR A 89 -10.24 1.64 -15.05
N PRO A 90 -9.59 2.81 -15.21
CA PRO A 90 -8.39 3.12 -14.43
C PRO A 90 -8.73 3.61 -13.02
N GLN A 91 -7.75 3.55 -12.12
CA GLN A 91 -7.80 4.14 -10.76
C GLN A 91 -6.56 5.01 -10.57
N LEU A 92 -6.61 5.93 -9.61
CA LEU A 92 -5.48 6.82 -9.25
C LEU A 92 -4.74 6.23 -8.05
N PHE A 93 -3.40 6.23 -8.12
CA PHE A 93 -2.51 5.63 -7.11
C PHE A 93 -1.47 6.66 -6.67
N LEU A 94 -1.12 6.64 -5.37
CA LEU A 94 0.10 7.30 -4.86
C LEU A 94 1.24 6.29 -4.96
N ARG A 95 2.28 6.61 -5.73
CA ARG A 95 3.43 5.69 -5.95
C ARG A 95 4.72 6.49 -5.98
N ARG A 96 5.84 5.79 -5.84
CA ARG A 96 7.22 6.34 -5.98
C ARG A 96 7.32 7.12 -7.29
N ASP A 97 7.85 8.35 -7.23
CA ASP A 97 8.28 9.12 -8.42
C ASP A 97 9.41 8.35 -9.09
N VAL A 98 9.26 7.98 -10.37
CA VAL A 98 10.28 7.18 -11.12
C VAL A 98 11.60 7.98 -11.19
N ARG A 99 11.53 9.31 -11.08
CA ARG A 99 12.71 10.20 -11.18
C ARG A 99 13.45 10.30 -9.84
N LEU A 100 12.92 9.73 -8.76
CA LEU A 100 13.56 9.81 -7.42
C LEU A 100 14.94 9.16 -7.47
N PRO A 101 16.05 9.92 -7.32
CA PRO A 101 17.38 9.33 -7.31
C PRO A 101 17.52 8.35 -6.14
N LEU A 102 18.24 7.25 -6.37
CA LEU A 102 18.52 6.23 -5.31
C LEU A 102 19.26 6.91 -4.15
N GLU A 103 20.10 7.90 -4.47
CA GLU A 103 20.89 8.69 -3.48
C GLU A 103 19.94 9.44 -2.54
N VAL A 104 18.86 10.00 -3.06
CA VAL A 104 17.84 10.76 -2.28
C VAL A 104 17.03 9.77 -1.44
N GLU A 105 16.65 8.62 -2.02
CA GLU A 105 15.82 7.60 -1.31
C GLU A 105 16.59 7.05 -0.11
N LYS A 106 17.91 6.86 -0.24
CA LYS A 106 18.81 6.41 0.86
C LYS A 106 18.86 7.48 1.98
N GLN A 107 18.49 8.74 1.70
CA GLN A 107 18.43 9.85 2.69
C GLN A 107 17.24 9.66 3.65
N ILE A 108 16.20 8.95 3.22
CA ILE A 108 14.86 8.98 3.87
C ILE A 108 14.92 8.35 5.27
N GLU A 109 14.40 9.07 6.26
CA GLU A 109 14.25 8.59 7.67
C GLU A 109 12.77 8.58 8.06
N ASP A 110 11.91 9.25 7.30
CA ASP A 110 10.47 9.46 7.61
C ASP A 110 9.75 8.12 7.60
N PRO A 111 9.19 7.67 8.75
CA PRO A 111 8.50 6.37 8.82
C PRO A 111 7.36 6.18 7.79
N LEU A 112 6.57 7.23 7.51
CA LEU A 112 5.44 7.12 6.54
C LEU A 112 5.99 6.93 5.13
N ALA A 113 6.97 7.76 4.73
CA ALA A 113 7.65 7.65 3.42
C ALA A 113 8.22 6.23 3.25
N ILE A 114 8.86 5.70 4.31
CA ILE A 114 9.48 4.35 4.30
C ILE A 114 8.39 3.28 4.08
N LEU A 115 7.28 3.35 4.82
CA LEU A 115 6.23 2.30 4.73
C LEU A 115 5.57 2.35 3.35
N ILE A 116 5.43 3.53 2.73
CA ILE A 116 4.81 3.66 1.38
C ILE A 116 5.78 3.04 0.34
N LEU A 117 7.07 3.36 0.43
CA LEU A 117 8.10 2.78 -0.47
C LEU A 117 8.17 1.27 -0.24
N PHE A 118 8.10 0.84 1.02
CA PHE A 118 8.16 -0.59 1.42
C PHE A 118 7.00 -1.37 0.79
N ASP A 119 5.78 -0.85 0.91
CA ASP A 119 4.55 -1.51 0.39
CA ASP A 119 4.55 -1.54 0.40
C ASP A 119 4.67 -1.68 -1.12
N GLU A 120 5.16 -0.65 -1.80
CA GLU A 120 5.31 -0.66 -3.28
C GLU A 120 6.41 -1.67 -3.68
N ALA A 121 7.52 -1.67 -2.94
CA ALA A 121 8.64 -2.62 -3.14
C ALA A 121 8.13 -4.05 -2.97
N ARG A 122 7.37 -4.32 -1.91
CA ARG A 122 6.83 -5.67 -1.61
C ARG A 122 5.90 -6.10 -2.75
N TYR A 123 5.04 -5.19 -3.22
CA TYR A 123 4.10 -5.46 -4.35
C TYR A 123 4.89 -5.97 -5.56
N ASN A 124 5.97 -5.27 -5.93
CA ASN A 124 6.82 -5.59 -7.10
C ASN A 124 7.51 -6.95 -6.88
N LEU A 125 7.98 -7.22 -5.66
CA LEU A 125 8.65 -8.50 -5.32
C LEU A 125 7.69 -9.66 -5.55
N LEU A 126 6.48 -9.58 -4.98
CA LEU A 126 5.48 -10.68 -4.98
C LEU A 126 4.94 -10.90 -6.39
N LYS A 127 4.89 -9.85 -7.22
CA LYS A 127 4.39 -9.91 -8.62
C LYS A 127 5.46 -10.50 -9.54
N GLY A 128 6.73 -10.52 -9.12
CA GLY A 128 7.84 -11.17 -9.84
C GLY A 128 8.64 -10.20 -10.71
N PHE A 129 8.48 -8.89 -10.48
CA PHE A 129 9.15 -7.81 -11.27
C PHE A 129 10.58 -7.57 -10.77
N TYR A 130 10.99 -8.21 -9.68
CA TYR A 130 12.37 -8.19 -9.15
C TYR A 130 13.07 -9.52 -9.43
N THR A 131 14.03 -9.51 -10.36
CA THR A 131 14.99 -10.63 -10.59
C THR A 131 16.18 -10.45 -9.65
N ALA A 132 16.45 -11.47 -8.83
CA ALA A 132 17.60 -11.51 -7.91
C ALA A 132 17.94 -12.96 -7.60
N PRO A 133 19.19 -13.26 -7.17
CA PRO A 133 19.57 -14.62 -6.80
C PRO A 133 18.69 -15.17 -5.66
N ASP A 134 18.61 -16.49 -5.55
CA ASP A 134 17.79 -17.21 -4.53
C ASP A 134 18.11 -16.65 -3.13
N ALA A 135 19.39 -16.35 -2.87
CA ALA A 135 19.89 -15.84 -1.58
C ALA A 135 19.21 -14.52 -1.21
N LYS A 136 19.23 -13.55 -2.13
CA LYS A 136 18.60 -12.20 -1.95
C LYS A 136 17.11 -12.35 -1.67
N LEU A 137 16.42 -13.20 -2.44
CA LEU A 137 14.95 -13.43 -2.32
C LEU A 137 14.64 -14.05 -0.95
N ILE A 138 15.51 -14.95 -0.47
CA ILE A 138 15.35 -15.65 0.84
C ILE A 138 15.50 -14.62 1.96
N THR A 139 16.47 -13.69 1.85
CA THR A 139 16.68 -12.57 2.81
C THR A 139 15.42 -11.71 2.87
N LEU A 140 14.88 -11.32 1.70
CA LEU A 140 13.66 -10.49 1.61
C LEU A 140 12.48 -11.25 2.23
N ALA A 141 12.35 -12.55 1.96
CA ALA A 141 11.28 -13.42 2.52
C ALA A 141 11.39 -13.44 4.06
N SER A 142 12.60 -13.51 4.61
CA SER A 142 12.87 -13.54 6.07
C SER A 142 12.45 -12.21 6.71
N LEU A 143 12.74 -11.08 6.04
CA LEU A 143 12.39 -9.72 6.53
C LEU A 143 10.87 -9.55 6.52
N LEU A 144 10.17 -10.07 5.51
CA LEU A 144 8.68 -9.98 5.45
C LEU A 144 8.07 -10.81 6.59
N LEU A 145 8.68 -11.94 6.95
CA LEU A 145 8.19 -12.78 8.07
C LEU A 145 8.26 -11.98 9.39
N GLN A 146 9.40 -11.33 9.66
CA GLN A 146 9.60 -10.48 10.86
C GLN A 146 8.60 -9.31 10.86
N ILE A 147 8.43 -8.65 9.71
CA ILE A 147 7.57 -7.44 9.56
C ILE A 147 6.09 -7.82 9.74
N VAL A 148 5.64 -8.90 9.09
CA VAL A 148 4.20 -9.26 9.00
C VAL A 148 3.81 -10.16 10.18
N TYR A 149 4.64 -11.14 10.54
CA TYR A 149 4.30 -12.22 11.52
C TYR A 149 4.93 -11.95 12.90
N GLY A 150 5.87 -11.00 13.00
CA GLY A 150 6.55 -10.67 14.26
C GLY A 150 7.70 -11.62 14.55
N ASN A 151 8.09 -11.74 15.82
CA ASN A 151 9.25 -12.56 16.28
C ASN A 151 9.03 -14.03 15.95
N TYR A 152 10.07 -14.69 15.44
CA TYR A 152 10.13 -16.16 15.25
C TYR A 152 9.87 -16.85 16.59
N GLU A 153 9.06 -17.91 16.57
CA GLU A 153 8.83 -18.86 17.69
C GLU A 153 8.88 -20.28 17.12
N SER A 154 9.79 -21.10 17.63
CA SER A 154 9.98 -22.52 17.22
C SER A 154 8.63 -23.23 17.21
N LYS A 155 7.82 -23.02 18.25
CA LYS A 155 6.52 -23.70 18.50
C LYS A 155 5.53 -23.37 17.38
N LYS A 156 5.61 -22.16 16.80
CA LYS A 156 4.67 -21.66 15.77
C LYS A 156 5.21 -21.90 14.35
N HIS A 157 6.51 -21.65 14.14
CA HIS A 157 7.11 -21.40 12.79
C HIS A 157 7.99 -22.56 12.32
N LYS A 158 8.50 -23.41 13.22
CA LYS A 158 9.53 -24.44 12.88
C LYS A 158 9.02 -25.36 11.77
N GLN A 159 7.84 -25.97 11.96
CA GLN A 159 7.29 -27.01 11.05
C GLN A 159 5.81 -26.74 10.77
N GLY A 160 5.37 -27.00 9.53
CA GLY A 160 3.97 -26.86 9.08
C GLY A 160 3.45 -25.44 9.21
N PHE A 161 4.31 -24.44 8.96
CA PHE A 161 3.96 -23.00 8.95
C PHE A 161 4.09 -22.46 7.51
N LEU A 162 5.26 -22.61 6.91
CA LEU A 162 5.55 -22.13 5.52
C LEU A 162 4.91 -23.09 4.51
N ASN A 163 3.58 -23.21 4.53
CA ASN A 163 2.77 -23.81 3.44
C ASN A 163 2.70 -22.78 2.30
N GLU A 164 2.09 -23.14 1.17
CA GLU A 164 2.02 -22.25 -0.03
C GLU A 164 1.22 -20.98 0.31
N GLU A 165 0.22 -21.08 1.19
CA GLU A 165 -0.62 -19.95 1.68
C GLU A 165 0.29 -18.87 2.27
N ASN A 166 1.19 -19.26 3.19
CA ASN A 166 2.10 -18.33 3.92
C ASN A 166 3.27 -17.93 3.01
N LEU A 167 3.76 -18.85 2.17
CA LEU A 167 4.88 -18.61 1.22
C LEU A 167 4.47 -17.56 0.18
N LYS A 168 3.20 -17.56 -0.24
CA LYS A 168 2.65 -16.67 -1.30
C LYS A 168 2.90 -15.20 -0.95
N SER A 169 2.86 -14.86 0.35
CA SER A 169 2.96 -13.47 0.87
C SER A 169 4.41 -13.02 1.03
N ILE A 170 5.41 -13.89 0.82
CA ILE A 170 6.84 -13.57 1.11
C ILE A 170 7.79 -13.92 -0.04
N VAL A 171 7.35 -14.62 -1.09
CA VAL A 171 8.20 -14.94 -2.28
C VAL A 171 7.48 -14.49 -3.56
N PRO A 172 8.24 -14.24 -4.65
CA PRO A 172 7.63 -13.92 -5.95
C PRO A 172 6.75 -15.06 -6.46
N VAL A 173 5.59 -14.71 -7.04
CA VAL A 173 4.59 -15.68 -7.59
C VAL A 173 5.27 -16.60 -8.62
N THR A 174 6.30 -16.11 -9.32
CA THR A 174 7.06 -16.83 -10.36
C THR A 174 7.89 -17.98 -9.74
N LYS A 175 8.17 -17.90 -8.43
CA LYS A 175 9.04 -18.87 -7.70
C LYS A 175 8.21 -19.73 -6.74
N LEU A 176 6.93 -19.40 -6.54
CA LEU A 176 6.07 -19.94 -5.44
C LEU A 176 5.95 -21.48 -5.56
N LYS A 177 5.68 -21.99 -6.75
CA LYS A 177 5.26 -23.41 -6.96
C LYS A 177 6.50 -24.32 -7.09
N SER A 178 7.53 -23.89 -7.82
CA SER A 178 8.66 -24.73 -8.27
C SER A 178 9.85 -24.64 -7.31
N LYS A 179 10.35 -23.43 -7.03
CA LYS A 179 11.67 -23.20 -6.37
C LYS A 179 11.50 -22.88 -4.88
N ALA A 180 10.47 -22.11 -4.52
CA ALA A 180 10.22 -21.58 -3.16
C ALA A 180 10.15 -22.71 -2.14
N PRO A 181 9.45 -23.83 -2.41
CA PRO A 181 9.31 -24.92 -1.43
C PRO A 181 10.64 -25.47 -0.89
N HIS A 182 11.73 -25.35 -1.66
CA HIS A 182 13.09 -25.84 -1.29
C HIS A 182 13.85 -24.79 -0.48
N TRP A 183 13.29 -23.58 -0.37
CA TRP A 183 13.91 -22.43 0.35
C TRP A 183 13.46 -22.39 1.82
N THR A 184 12.36 -23.08 2.14
CA THR A 184 11.59 -22.93 3.40
C THR A 184 12.51 -22.96 4.62
N ASN A 185 13.46 -23.90 4.67
CA ASN A 185 14.37 -24.11 5.82
C ASN A 185 15.36 -22.94 5.93
N ARG A 186 15.87 -22.46 4.79
CA ARG A 186 16.85 -21.34 4.73
C ARG A 186 16.16 -20.02 5.13
N ILE A 187 14.91 -19.82 4.71
CA ILE A 187 14.09 -18.62 5.09
C ILE A 187 13.92 -18.60 6.61
N LEU A 188 13.41 -19.70 7.18
CA LEU A 188 13.12 -19.85 8.64
C LEU A 188 14.40 -19.62 9.45
N HIS A 189 15.56 -20.07 8.95
CA HIS A 189 16.88 -19.89 9.61
C HIS A 189 17.20 -18.40 9.71
N GLU A 190 17.10 -17.67 8.59
CA GLU A 190 17.35 -16.21 8.53
C GLU A 190 16.29 -15.49 9.38
N TYR A 191 15.05 -15.99 9.38
CA TYR A 191 13.91 -15.44 10.17
C TYR A 191 14.29 -15.53 11.66
N LYS A 192 14.69 -16.72 12.12
CA LYS A 192 15.15 -16.96 13.53
C LYS A 192 16.33 -16.03 13.84
N ASN A 193 17.29 -15.93 12.93
CA ASN A 193 18.53 -15.10 13.08
C ASN A 193 18.15 -13.63 13.29
N LEU A 194 17.15 -13.12 12.56
CA LEU A 194 16.63 -11.73 12.71
C LEU A 194 16.08 -11.53 14.13
N SER A 195 15.13 -12.39 14.52
CA SER A 195 14.34 -12.30 15.79
C SER A 195 15.27 -12.35 17.00
N THR A 196 16.26 -13.25 16.99
CA THR A 196 17.17 -13.54 18.13
C THR A 196 18.39 -12.61 18.12
N SER A 197 18.56 -11.80 17.07
CA SER A 197 19.62 -10.76 16.96
C SER A 197 19.13 -9.46 17.59
N GLU A 198 19.63 -9.14 18.79
CA GLU A 198 19.29 -7.91 19.56
C GLU A 198 20.00 -6.69 18.94
N GLY A 199 20.95 -6.92 18.04
CA GLY A 199 21.65 -5.87 17.26
C GLY A 199 20.84 -5.39 16.06
N VAL A 200 19.79 -6.13 15.68
CA VAL A 200 18.86 -5.77 14.57
C VAL A 200 17.60 -5.14 15.18
N SER A 201 17.38 -3.85 14.93
CA SER A 201 16.21 -3.07 15.42
C SER A 201 14.92 -3.73 14.92
N LYS A 202 13.92 -3.85 15.80
CA LYS A 202 12.59 -4.45 15.51
C LYS A 202 11.55 -3.35 15.34
N GLU A 203 11.98 -2.08 15.41
CA GLU A 203 11.16 -0.90 15.01
C GLU A 203 10.69 -1.13 13.58
N MET A 204 9.40 -0.86 13.30
CA MET A 204 8.75 -1.20 12.01
C MET A 204 9.49 -0.51 10.87
N HIS A 205 9.75 0.79 10.99
CA HIS A 205 10.39 1.61 9.92
C HIS A 205 11.86 1.17 9.73
N HIS A 206 12.50 0.63 10.76
CA HIS A 206 13.88 0.10 10.69
C HIS A 206 13.89 -1.21 9.87
N LEU A 207 12.97 -2.13 10.16
CA LEU A 207 12.82 -3.42 9.44
C LEU A 207 12.44 -3.16 7.97
N GLN A 208 11.58 -2.17 7.73
CA GLN A 208 11.09 -1.80 6.38
C GLN A 208 12.25 -1.21 5.57
N ARG A 209 13.10 -0.39 6.19
CA ARG A 209 14.27 0.22 5.51
C ARG A 209 15.27 -0.91 5.16
N MET A 210 15.42 -1.90 6.04
CA MET A 210 16.27 -3.10 5.80
C MET A 210 15.79 -3.83 4.54
N PHE A 211 14.47 -4.04 4.42
CA PHE A 211 13.84 -4.65 3.22
C PHE A 211 14.22 -3.81 1.99
N LEU A 212 14.03 -2.49 2.08
CA LEU A 212 14.32 -1.55 0.95
C LEU A 212 15.81 -1.61 0.60
N GLN A 213 16.69 -1.62 1.62
CA GLN A 213 18.17 -1.72 1.42
C GLN A 213 18.48 -2.86 0.46
N ASN A 214 17.86 -4.03 0.69
CA ASN A 214 18.04 -5.27 -0.11
C ASN A 214 17.43 -5.10 -1.52
N CYS A 215 16.40 -4.27 -1.66
CA CYS A 215 15.71 -4.01 -2.97
C CYS A 215 16.52 -3.01 -3.80
N TRP A 216 17.18 -2.04 -3.15
CA TRP A 216 17.93 -0.94 -3.83
C TRP A 216 19.01 -1.50 -4.76
N GLU A 217 19.49 -2.73 -4.52
CA GLU A 217 20.59 -3.36 -5.29
C GLU A 217 20.02 -4.18 -6.47
N ILE A 218 18.70 -4.33 -6.55
CA ILE A 218 18.00 -5.08 -7.65
C ILE A 218 17.95 -4.19 -8.89
N PRO A 219 18.34 -4.70 -10.09
CA PRO A 219 18.45 -3.87 -11.29
C PRO A 219 17.18 -3.07 -11.66
N THR A 220 16.01 -3.70 -11.51
CA THR A 220 14.70 -3.16 -11.95
C THR A 220 14.08 -2.29 -10.85
N TYR A 221 14.73 -2.11 -9.70
CA TYR A 221 14.14 -1.37 -8.56
C TYR A 221 13.64 0.02 -9.01
N GLY A 222 12.38 0.32 -8.70
CA GLY A 222 11.74 1.63 -8.96
C GLY A 222 11.49 1.87 -10.45
N ALA A 223 11.49 0.82 -11.27
CA ALA A 223 11.24 0.91 -12.73
C ALA A 223 9.77 1.22 -12.99
N ALA A 224 9.52 2.13 -13.94
CA ALA A 224 8.25 2.23 -14.70
C ALA A 224 8.28 1.13 -15.77
N PHE A 225 7.20 0.35 -15.88
CA PHE A 225 7.09 -0.79 -16.81
C PHE A 225 6.17 -0.42 -17.96
N PHE A 226 6.64 -0.67 -19.19
CA PHE A 226 5.89 -0.51 -20.45
C PHE A 226 5.78 -1.89 -21.10
N THR A 227 4.82 -2.04 -22.03
CA THR A 227 4.58 -3.31 -22.76
C THR A 227 5.03 -3.13 -24.21
N GLY A 228 5.67 -4.16 -24.76
CA GLY A 228 6.06 -4.20 -26.18
C GLY A 228 6.33 -5.62 -26.63
N GLN A 229 6.82 -5.76 -27.87
CA GLN A 229 7.22 -7.07 -28.45
C GLN A 229 8.62 -6.91 -29.06
N ILE A 230 9.45 -7.95 -28.93
CA ILE A 230 10.71 -8.13 -29.72
C ILE A 230 10.52 -9.35 -30.62
N PHE A 231 11.22 -9.37 -31.75
CA PHE A 231 11.28 -10.53 -32.68
C PHE A 231 12.67 -11.16 -32.59
N THR A 232 12.72 -12.47 -32.36
CA THR A 232 13.97 -13.28 -32.29
C THR A 232 14.58 -13.40 -33.69
N LYS A 233 15.89 -13.61 -33.78
CA LYS A 233 16.63 -13.76 -35.06
C LYS A 233 16.71 -15.24 -35.44
N ASN A 238 12.04 -18.81 -36.58
CA ASN A 238 13.18 -17.88 -36.85
C ASN A 238 12.84 -16.49 -36.30
N HIS A 239 11.68 -15.93 -36.70
CA HIS A 239 11.18 -14.59 -36.29
C HIS A 239 10.02 -14.75 -35.29
N LYS A 240 10.29 -15.39 -34.15
CA LYS A 240 9.31 -15.63 -33.05
C LYS A 240 9.04 -14.31 -32.33
N VAL A 241 7.76 -13.98 -32.10
CA VAL A 241 7.32 -12.77 -31.34
C VAL A 241 7.47 -13.08 -29.85
N ILE A 242 8.16 -12.22 -29.09
CA ILE A 242 8.27 -12.35 -27.60
C ILE A 242 7.66 -11.10 -26.97
N PRO A 243 6.48 -11.20 -26.33
CA PRO A 243 5.95 -10.10 -25.52
C PRO A 243 6.92 -9.80 -24.38
N VAL A 244 7.21 -8.52 -24.15
CA VAL A 244 8.19 -8.07 -23.11
C VAL A 244 7.58 -6.95 -22.28
N TYR A 245 7.99 -6.87 -21.02
CA TYR A 245 7.96 -5.63 -20.20
C TYR A 245 9.26 -4.87 -20.45
N VAL A 246 9.16 -3.57 -20.74
CA VAL A 246 10.30 -2.62 -20.80
C VAL A 246 10.34 -1.88 -19.46
N GLY A 247 11.37 -2.14 -18.66
CA GLY A 247 11.60 -1.46 -17.37
C GLY A 247 12.57 -0.31 -17.55
N VAL A 248 12.15 0.91 -17.22
CA VAL A 248 13.01 2.13 -17.22
C VAL A 248 13.05 2.68 -15.80
N ASN A 249 14.25 2.80 -15.25
CA ASN A 249 14.46 3.34 -13.87
C ASN A 249 15.71 4.20 -13.88
N ILE A 250 16.06 4.75 -12.71
CA ILE A 250 17.22 5.66 -12.53
C ILE A 250 18.55 4.94 -12.84
N LYS A 251 18.54 3.61 -13.01
CA LYS A 251 19.76 2.79 -13.27
C LYS A 251 19.96 2.56 -14.77
N GLY A 252 18.89 2.32 -15.52
CA GLY A 252 18.99 2.08 -16.97
C GLY A 252 17.73 1.44 -17.53
N LEU A 253 17.91 0.54 -18.51
CA LEU A 253 16.79 -0.15 -19.20
C LEU A 253 16.90 -1.65 -18.95
N HIS A 254 15.74 -2.27 -18.72
CA HIS A 254 15.60 -3.71 -18.37
C HIS A 254 14.46 -4.29 -19.21
N LEU A 255 14.70 -5.41 -19.89
CA LEU A 255 13.65 -6.18 -20.60
C LEU A 255 13.34 -7.43 -19.78
N LEU A 256 12.06 -7.64 -19.46
CA LEU A 256 11.53 -8.91 -18.88
C LEU A 256 10.70 -9.61 -19.95
N ASN A 257 10.82 -10.93 -20.03
CA ASN A 257 9.82 -11.79 -20.71
C ASN A 257 8.48 -11.56 -20.01
N MET A 258 7.44 -11.17 -20.75
CA MET A 258 6.11 -10.81 -20.17
C MET A 258 5.50 -12.01 -19.46
N GLU A 259 5.64 -13.21 -20.06
CA GLU A 259 5.00 -14.47 -19.60
C GLU A 259 5.66 -14.94 -18.28
N THR A 260 6.99 -15.00 -18.25
CA THR A 260 7.78 -15.64 -17.18
C THR A 260 8.38 -14.61 -16.21
N LYS A 261 8.49 -13.35 -16.63
CA LYS A 261 9.15 -12.24 -15.87
C LYS A 261 10.67 -12.45 -15.84
N ALA A 262 11.21 -13.36 -16.66
CA ALA A 262 12.65 -13.64 -16.77
C ALA A 262 13.38 -12.38 -17.27
N LEU A 263 14.52 -12.04 -16.67
CA LEU A 263 15.34 -10.86 -17.07
C LEU A 263 16.13 -11.20 -18.34
N LEU A 264 15.72 -10.63 -19.47
CA LEU A 264 16.32 -10.90 -20.82
C LEU A 264 17.59 -10.07 -20.99
N ILE A 265 17.55 -8.78 -20.66
CA ILE A 265 18.76 -7.92 -20.62
C ILE A 265 18.56 -6.78 -19.61
N SER A 266 19.66 -6.33 -19.01
CA SER A 266 19.73 -5.17 -18.09
C SER A 266 20.94 -4.31 -18.50
N LEU A 267 20.69 -3.05 -18.87
CA LEU A 267 21.73 -2.11 -19.37
C LEU A 267 21.76 -0.87 -18.48
N LYS A 268 22.94 -0.50 -17.98
CA LYS A 268 23.16 0.72 -17.17
C LYS A 268 23.34 1.90 -18.12
N TYR A 269 22.89 3.09 -17.72
CA TYR A 269 23.12 4.37 -18.45
C TYR A 269 24.63 4.55 -18.66
N GLY A 270 25.03 4.93 -19.87
CA GLY A 270 26.45 5.05 -20.28
C GLY A 270 26.98 3.81 -20.98
N CYS A 271 26.22 2.71 -20.98
CA CYS A 271 26.61 1.41 -21.62
C CYS A 271 25.66 1.06 -22.77
N PHE A 272 24.77 1.98 -23.17
CA PHE A 272 23.82 1.75 -24.28
C PHE A 272 23.31 3.09 -24.82
N MET A 273 22.84 3.05 -26.06
CA MET A 273 22.21 4.20 -26.77
C MET A 273 20.83 3.74 -27.27
N TRP A 274 19.93 4.69 -27.48
CA TRP A 274 18.55 4.43 -27.98
C TRP A 274 18.29 5.30 -29.21
N GLN A 275 17.37 4.86 -30.06
CA GLN A 275 16.84 5.64 -31.20
C GLN A 275 15.33 5.42 -31.28
N LEU A 276 14.55 6.50 -31.27
CA LEU A 276 13.07 6.45 -31.41
C LEU A 276 12.72 6.20 -32.88
N GLY A 277 11.83 5.23 -33.13
CA GLY A 277 11.28 4.94 -34.47
C GLY A 277 10.57 6.15 -35.06
N ASP A 278 10.36 6.13 -36.38
CA ASP A 278 9.90 7.31 -37.17
C ASP A 278 8.53 7.80 -36.67
N THR A 279 7.72 6.93 -36.06
CA THR A 279 6.29 7.18 -35.74
C THR A 279 5.95 6.88 -34.27
N ASP A 280 6.95 6.74 -33.40
CA ASP A 280 6.78 6.42 -31.95
C ASP A 280 6.08 5.06 -31.79
N THR A 281 6.35 4.10 -32.67
CA THR A 281 5.78 2.73 -32.63
C THR A 281 6.88 1.70 -32.32
N CYS A 282 8.14 2.13 -32.28
CA CYS A 282 9.29 1.26 -31.91
C CYS A 282 10.47 2.12 -31.47
N PHE A 283 11.43 1.52 -30.78
CA PHE A 283 12.74 2.13 -30.44
C PHE A 283 13.83 1.07 -30.59
N GLN A 284 15.03 1.51 -30.94
CA GLN A 284 16.21 0.64 -31.11
C GLN A 284 17.18 0.88 -29.95
N ILE A 285 17.71 -0.18 -29.37
CA ILE A 285 18.81 -0.12 -28.35
C ILE A 285 20.08 -0.68 -29.00
N HIS A 286 21.18 0.08 -28.91
CA HIS A 286 22.55 -0.36 -29.24
C HIS A 286 23.35 -0.41 -27.93
N SER A 287 23.91 -1.56 -27.59
CA SER A 287 24.73 -1.74 -26.35
C SER A 287 26.17 -1.30 -26.63
N MET A 288 26.47 -0.02 -26.36
CA MET A 288 27.82 0.60 -26.51
C MET A 288 28.90 -0.40 -26.12
N GLU A 289 29.81 -0.72 -27.05
CA GLU A 289 30.90 -1.71 -26.87
C GLU A 289 30.32 -3.05 -26.39
N ASN A 290 29.37 -3.63 -27.13
CA ASN A 290 28.90 -5.00 -26.81
C ASN A 290 28.39 -5.77 -28.05
N LYS A 291 28.55 -5.19 -29.25
CA LYS A 291 28.23 -5.87 -30.54
C LYS A 291 26.78 -6.35 -30.54
N MET A 292 25.90 -5.73 -29.73
CA MET A 292 24.49 -6.18 -29.53
C MET A 292 23.54 -5.04 -29.86
N SER A 293 22.42 -5.36 -30.52
CA SER A 293 21.36 -4.43 -30.94
C SER A 293 20.01 -5.15 -30.94
N PHE A 294 18.94 -4.48 -30.52
CA PHE A 294 17.56 -5.02 -30.59
C PHE A 294 16.55 -3.88 -30.74
N ILE A 295 15.38 -4.22 -31.30
CA ILE A 295 14.27 -3.25 -31.55
C ILE A 295 13.06 -3.73 -30.76
N VAL A 296 12.48 -2.83 -29.95
CA VAL A 296 11.21 -3.10 -29.23
C VAL A 296 10.09 -2.40 -29.97
N HIS A 297 9.07 -3.16 -30.36
CA HIS A 297 7.81 -2.66 -30.96
C HIS A 297 6.82 -2.34 -29.83
N THR A 298 6.36 -1.10 -29.76
CA THR A 298 5.43 -0.60 -28.71
C THR A 298 4.95 0.79 -29.08
N LYS A 299 3.65 1.03 -28.93
CA LYS A 299 3.03 2.37 -29.11
C LYS A 299 3.38 3.26 -27.90
N GLN A 300 4.09 2.70 -26.91
CA GLN A 300 4.65 3.44 -25.74
C GLN A 300 6.10 3.85 -25.99
N ALA A 301 6.62 3.66 -27.22
CA ALA A 301 8.03 3.91 -27.59
C ALA A 301 8.43 5.36 -27.27
N GLY A 302 7.54 6.31 -27.57
CA GLY A 302 7.73 7.75 -27.30
C GLY A 302 7.93 8.03 -25.82
N LEU A 303 7.13 7.40 -24.96
CA LEU A 303 7.20 7.53 -23.49
C LEU A 303 8.52 6.92 -22.97
N VAL A 304 8.89 5.75 -23.48
CA VAL A 304 10.11 5.00 -23.05
C VAL A 304 11.34 5.88 -23.31
N VAL A 305 11.50 6.36 -24.54
CA VAL A 305 12.68 7.19 -24.94
C VAL A 305 12.65 8.51 -24.16
N LYS A 306 11.50 9.17 -24.03
CA LYS A 306 11.35 10.41 -23.22
C LYS A 306 11.91 10.18 -21.81
N LEU A 307 11.56 9.05 -21.19
CA LEU A 307 11.94 8.72 -19.79
C LEU A 307 13.44 8.36 -19.74
N LEU A 308 13.93 7.59 -20.71
CA LEU A 308 15.38 7.26 -20.83
C LEU A 308 16.18 8.57 -20.87
N MET A 309 15.77 9.52 -21.72
CA MET A 309 16.46 10.83 -21.88
C MET A 309 16.49 11.56 -20.53
N LYS A 310 15.35 11.59 -19.82
CA LYS A 310 15.21 12.33 -18.53
C LYS A 310 16.11 11.69 -17.46
N LEU A 311 16.05 10.37 -17.31
CA LEU A 311 16.74 9.64 -16.21
C LEU A 311 18.25 9.55 -16.49
N ASN A 312 18.64 9.33 -17.75
CA ASN A 312 20.06 9.42 -18.18
C ASN A 312 20.58 10.84 -17.89
N GLY A 313 19.81 11.86 -18.29
CA GLY A 313 20.19 13.28 -18.15
C GLY A 313 20.38 13.69 -16.71
N GLN A 314 19.70 12.97 -15.80
CA GLN A 314 19.63 13.25 -14.34
C GLN A 314 20.98 12.96 -13.69
N LEU A 315 21.75 12.02 -14.25
CA LEU A 315 23.11 11.65 -13.75
C LEU A 315 24.10 12.75 -14.13
N MET A 316 24.86 13.24 -13.14
CA MET A 316 25.80 14.38 -13.28
C MET A 316 27.14 14.03 -12.62
N MET B 1 -6.93 -17.01 4.00
CA MET B 1 -6.89 -15.89 5.00
C MET B 1 -8.23 -15.15 4.96
N ARG B 2 -8.97 -15.15 6.07
CA ARG B 2 -10.33 -14.56 6.18
C ARG B 2 -10.23 -13.03 6.20
N GLU B 3 -11.13 -12.36 5.47
CA GLU B 3 -11.26 -10.88 5.40
C GLU B 3 -12.23 -10.41 6.50
N TYR B 4 -11.89 -9.32 7.19
CA TYR B 4 -12.73 -8.69 8.24
C TYR B 4 -12.93 -7.22 7.88
N LYS B 5 -14.18 -6.82 7.66
CA LYS B 5 -14.57 -5.41 7.37
C LYS B 5 -14.89 -4.72 8.71
N LEU B 6 -13.94 -3.93 9.20
CA LEU B 6 -14.08 -3.14 10.46
C LEU B 6 -14.38 -1.69 10.11
N VAL B 7 -15.23 -1.04 10.88
CA VAL B 7 -15.63 0.38 10.67
C VAL B 7 -15.39 1.13 11.98
N VAL B 8 -14.61 2.21 11.91
CA VAL B 8 -14.33 3.12 13.06
C VAL B 8 -15.28 4.32 12.93
N LEU B 9 -16.20 4.45 13.88
CA LEU B 9 -17.28 5.49 13.90
C LEU B 9 -17.13 6.36 15.13
N GLY B 10 -17.68 7.59 15.08
CA GLY B 10 -17.62 8.58 16.16
C GLY B 10 -17.63 9.99 15.62
N SER B 11 -17.87 10.97 16.49
CA SER B 11 -17.96 12.40 16.12
C SER B 11 -16.55 12.94 15.83
N GLY B 12 -16.48 14.16 15.29
CA GLY B 12 -15.23 14.81 14.88
C GLY B 12 -14.24 14.94 16.03
N GLY B 13 -12.96 14.62 15.79
CA GLY B 13 -11.82 14.96 16.66
C GLY B 13 -11.54 13.93 17.74
N VAL B 14 -12.28 12.81 17.78
CA VAL B 14 -12.20 11.83 18.91
C VAL B 14 -10.91 10.98 18.78
N GLY B 15 -10.36 10.86 17.57
CA GLY B 15 -9.11 10.12 17.31
C GLY B 15 -9.35 8.82 16.55
N LYS B 16 -10.39 8.74 15.73
CA LYS B 16 -10.67 7.56 14.85
C LYS B 16 -9.46 7.33 13.95
N SER B 17 -9.01 8.37 13.23
CA SER B 17 -7.83 8.34 12.34
C SER B 17 -6.58 7.98 13.13
N ALA B 18 -6.35 8.64 14.27
CA ALA B 18 -5.15 8.46 15.12
C ALA B 18 -5.05 6.99 15.55
N LEU B 19 -6.14 6.41 16.04
CA LEU B 19 -6.19 4.99 16.50
C LEU B 19 -5.87 4.07 15.32
N THR B 20 -6.51 4.30 14.18
CA THR B 20 -6.38 3.44 12.96
C THR B 20 -4.92 3.51 12.46
N VAL B 21 -4.38 4.72 12.29
CA VAL B 21 -3.00 4.94 11.77
C VAL B 21 -1.98 4.35 12.76
N GLN B 22 -2.21 4.50 14.07
CA GLN B 22 -1.30 3.92 15.11
C GLN B 22 -1.29 2.39 14.96
N PHE B 23 -2.47 1.78 14.87
CA PHE B 23 -2.63 0.32 14.73
C PHE B 23 -1.96 -0.17 13.44
N VAL B 24 -2.32 0.41 12.30
CA VAL B 24 -1.89 -0.06 10.94
C VAL B 24 -0.42 0.29 10.71
N GLN B 25 -0.03 1.54 10.96
CA GLN B 25 1.27 2.11 10.47
C GLN B 25 2.28 2.30 11.62
N GLY B 26 1.83 2.26 12.88
CA GLY B 26 2.70 2.47 14.05
C GLY B 26 3.17 3.91 14.17
N ILE B 27 2.34 4.85 13.72
CA ILE B 27 2.62 6.31 13.68
C ILE B 27 1.51 7.04 14.45
N PHE B 28 1.84 8.11 15.18
CA PHE B 28 0.85 9.02 15.83
C PHE B 28 0.62 10.26 14.95
N VAL B 29 -0.61 10.43 14.45
CA VAL B 29 -1.06 11.60 13.65
C VAL B 29 -1.27 12.78 14.61
N GLU B 30 -0.41 13.79 14.56
CA GLU B 30 -0.43 15.01 15.42
C GLU B 30 -1.44 16.02 14.85
N LYS B 31 -1.36 16.26 13.53
CA LYS B 31 -2.19 17.25 12.79
C LYS B 31 -3.65 16.76 12.74
N TYR B 32 -4.62 17.65 12.93
CA TYR B 32 -6.06 17.36 12.86
C TYR B 32 -6.57 17.68 11.45
N ASP B 33 -6.60 16.66 10.59
CA ASP B 33 -7.11 16.73 9.19
C ASP B 33 -8.43 15.96 9.11
N PRO B 34 -9.59 16.65 9.16
CA PRO B 34 -10.89 15.99 9.06
C PRO B 34 -10.98 14.99 7.90
N THR B 35 -11.36 13.75 8.21
CA THR B 35 -11.43 12.61 7.26
C THR B 35 -12.66 12.75 6.38
N ILE B 36 -12.51 12.42 5.11
CA ILE B 36 -13.65 12.21 4.18
C ILE B 36 -14.02 10.74 4.27
N GLU B 37 -13.09 9.87 3.89
CA GLU B 37 -13.24 8.39 3.97
C GLU B 37 -11.91 7.75 3.61
N ASP B 38 -11.29 7.04 4.55
CA ASP B 38 -10.00 6.34 4.31
C ASP B 38 -10.20 4.87 4.60
N SER B 39 -9.55 4.01 3.82
CA SER B 39 -9.54 2.55 4.02
C SER B 39 -8.10 2.07 4.22
N TYR B 40 -7.88 1.24 5.24
CA TYR B 40 -6.55 0.66 5.57
C TYR B 40 -6.67 -0.86 5.51
N ARG B 41 -5.56 -1.53 5.19
CA ARG B 41 -5.48 -3.00 5.16
C ARG B 41 -4.29 -3.40 6.04
N LYS B 42 -4.48 -4.43 6.86
CA LYS B 42 -3.46 -4.90 7.83
C LYS B 42 -3.68 -6.40 8.08
N GLN B 43 -2.67 -7.22 7.78
CA GLN B 43 -2.65 -8.64 8.19
C GLN B 43 -2.26 -8.69 9.67
N VAL B 44 -3.01 -9.43 10.48
CA VAL B 44 -2.76 -9.62 11.94
C VAL B 44 -2.99 -11.10 12.26
N GLU B 45 -2.45 -11.55 13.40
CA GLU B 45 -2.77 -12.88 13.99
C GLU B 45 -3.73 -12.67 15.17
N VAL B 46 -4.91 -13.27 15.10
CA VAL B 46 -5.88 -13.34 16.23
C VAL B 46 -6.25 -14.80 16.44
N ASP B 47 -6.09 -15.29 17.67
CA ASP B 47 -6.39 -16.69 18.08
C ASP B 47 -5.81 -17.66 17.04
N ALA B 48 -4.51 -17.52 16.76
CA ALA B 48 -3.65 -18.48 16.03
C ALA B 48 -4.00 -18.55 14.54
N GLN B 49 -4.74 -17.57 14.00
CA GLN B 49 -5.07 -17.51 12.55
C GLN B 49 -4.71 -16.12 11.99
N GLN B 50 -4.16 -16.12 10.78
CA GLN B 50 -3.83 -14.88 10.02
C GLN B 50 -5.14 -14.27 9.51
N CYS B 51 -5.39 -13.01 9.86
CA CYS B 51 -6.61 -12.24 9.50
C CYS B 51 -6.22 -11.01 8.68
N MET B 52 -6.90 -10.78 7.56
CA MET B 52 -6.75 -9.55 6.75
C MET B 52 -7.84 -8.56 7.17
N LEU B 53 -7.45 -7.52 7.90
CA LEU B 53 -8.38 -6.46 8.35
C LEU B 53 -8.48 -5.40 7.25
N GLU B 54 -9.71 -5.08 6.84
CA GLU B 54 -10.03 -3.87 6.04
C GLU B 54 -10.72 -2.90 7.00
N ILE B 55 -10.01 -1.84 7.40
CA ILE B 55 -10.50 -0.85 8.41
C ILE B 55 -10.94 0.41 7.66
N LEU B 56 -12.22 0.74 7.77
CA LEU B 56 -12.80 1.99 7.20
C LEU B 56 -12.80 3.07 8.29
N ASP B 57 -11.97 4.09 8.08
CA ASP B 57 -11.86 5.29 8.96
C ASP B 57 -12.80 6.35 8.39
N THR B 58 -13.89 6.64 9.11
CA THR B 58 -15.05 7.42 8.59
C THR B 58 -14.96 8.90 9.02
N ALA B 59 -15.79 9.74 8.40
CA ALA B 59 -15.92 11.19 8.71
C ALA B 59 -16.67 11.35 10.03
N GLY B 60 -16.32 12.38 10.80
CA GLY B 60 -16.98 12.75 12.08
C GLY B 60 -18.43 13.15 11.90
N THR B 61 -18.83 13.56 10.69
CA THR B 61 -20.24 13.89 10.32
C THR B 61 -20.54 13.42 8.90
N GLU B 62 -21.83 13.42 8.54
CA GLU B 62 -22.36 13.04 7.20
C GLU B 62 -22.55 14.30 6.35
N ALA B 66 -24.50 11.32 4.17
CA ALA B 66 -23.52 10.55 3.38
C ALA B 66 -23.76 9.05 3.56
N MET B 67 -22.72 8.25 3.85
CA MET B 67 -22.68 6.79 3.56
C MET B 67 -22.66 5.96 4.85
N ARG B 68 -23.31 6.44 5.92
CA ARG B 68 -23.34 5.74 7.24
C ARG B 68 -24.10 4.42 7.09
N ASP B 69 -25.31 4.46 6.53
CA ASP B 69 -26.18 3.27 6.34
C ASP B 69 -25.43 2.21 5.52
N LEU B 70 -24.70 2.65 4.49
CA LEU B 70 -23.88 1.77 3.59
C LEU B 70 -22.75 1.13 4.40
N TYR B 71 -22.00 1.94 5.17
CA TYR B 71 -20.89 1.48 6.04
C TYR B 71 -21.40 0.38 6.98
N MET B 72 -22.60 0.59 7.53
CA MET B 72 -23.19 -0.28 8.57
C MET B 72 -23.72 -1.58 7.92
N LYS B 73 -24.30 -1.48 6.72
CA LYS B 73 -24.76 -2.66 5.94
C LYS B 73 -23.56 -3.57 5.66
N ASN B 74 -22.45 -2.97 5.19
CA ASN B 74 -21.25 -3.69 4.69
C ASN B 74 -20.36 -4.13 5.85
N GLY B 75 -20.23 -3.29 6.89
CA GLY B 75 -19.33 -3.52 8.04
C GLY B 75 -19.70 -4.76 8.84
N GLN B 76 -18.70 -5.52 9.31
CA GLN B 76 -18.88 -6.72 10.16
C GLN B 76 -18.71 -6.34 11.64
N GLY B 77 -17.83 -5.39 11.94
CA GLY B 77 -17.50 -4.94 13.31
C GLY B 77 -17.33 -3.45 13.37
N PHE B 78 -17.72 -2.84 14.50
CA PHE B 78 -17.78 -1.37 14.68
C PHE B 78 -17.07 -0.97 15.98
N ALA B 79 -16.06 -0.11 15.86
CA ALA B 79 -15.45 0.65 16.97
C ALA B 79 -16.19 1.99 17.09
N LEU B 80 -16.92 2.18 18.19
CA LEU B 80 -17.62 3.45 18.52
C LEU B 80 -16.71 4.25 19.45
N VAL B 81 -16.06 5.28 18.90
CA VAL B 81 -14.99 6.05 19.61
C VAL B 81 -15.56 7.37 20.09
N TYR B 82 -15.36 7.68 21.37
CA TYR B 82 -15.52 9.02 21.96
C TYR B 82 -14.19 9.46 22.56
N SER B 83 -14.03 10.75 22.80
CA SER B 83 -12.91 11.35 23.56
C SER B 83 -13.35 11.53 25.01
N ILE B 84 -12.55 11.03 25.98
CA ILE B 84 -12.83 11.23 27.44
C ILE B 84 -12.75 12.72 27.76
N THR B 85 -12.33 13.52 26.77
CA THR B 85 -12.06 14.98 26.86
C THR B 85 -13.32 15.79 26.45
N ALA B 86 -14.29 15.16 25.79
CA ALA B 86 -15.43 15.86 25.13
C ALA B 86 -16.75 15.11 25.36
N GLN B 87 -17.59 15.65 26.25
CA GLN B 87 -18.91 15.06 26.66
C GLN B 87 -19.79 14.83 25.43
N SER B 88 -19.85 15.80 24.52
CA SER B 88 -20.70 15.75 23.29
C SER B 88 -20.40 14.47 22.49
N THR B 89 -19.13 14.05 22.41
CA THR B 89 -18.67 12.90 21.60
C THR B 89 -19.19 11.59 22.23
N PHE B 90 -19.30 11.56 23.55
CA PHE B 90 -19.87 10.42 24.32
C PHE B 90 -21.39 10.36 24.10
N ASN B 91 -22.06 11.51 24.18
CA ASN B 91 -23.53 11.67 24.02
C ASN B 91 -23.97 11.18 22.62
N ASP B 92 -23.13 11.43 21.61
CA ASP B 92 -23.45 11.17 20.18
C ASP B 92 -23.49 9.67 19.87
N LEU B 93 -22.82 8.83 20.68
CA LEU B 93 -22.61 7.39 20.36
C LEU B 93 -23.91 6.59 20.49
N GLN B 94 -24.87 7.05 21.31
CA GLN B 94 -26.18 6.36 21.49
C GLN B 94 -26.88 6.23 20.14
N ASP B 95 -26.92 7.32 19.38
CA ASP B 95 -27.56 7.40 18.03
C ASP B 95 -26.91 6.39 17.08
N LEU B 96 -25.56 6.30 17.10
CA LEU B 96 -24.79 5.39 16.22
C LEU B 96 -25.12 3.92 16.56
N ARG B 97 -25.02 3.56 17.84
CA ARG B 97 -25.38 2.21 18.37
C ARG B 97 -26.74 1.79 17.81
N GLU B 98 -27.77 2.62 18.01
CA GLU B 98 -29.17 2.33 17.63
C GLU B 98 -29.28 2.20 16.10
N GLN B 99 -28.63 3.10 15.36
CA GLN B 99 -28.61 3.10 13.87
C GLN B 99 -28.08 1.75 13.35
N ILE B 100 -26.97 1.27 13.92
CA ILE B 100 -26.30 0.00 13.49
C ILE B 100 -27.29 -1.17 13.69
N LEU B 101 -27.86 -1.28 14.90
CA LEU B 101 -28.85 -2.33 15.26
C LEU B 101 -30.04 -2.27 14.30
N ARG B 102 -30.45 -1.06 13.91
CA ARG B 102 -31.59 -0.81 12.97
C ARG B 102 -31.23 -1.35 11.59
N VAL B 103 -30.10 -0.91 11.01
CA VAL B 103 -29.65 -1.28 9.64
C VAL B 103 -29.36 -2.79 9.59
N LYS B 104 -28.66 -3.31 10.60
CA LYS B 104 -28.32 -4.76 10.70
C LYS B 104 -29.58 -5.58 10.98
N ASP B 105 -30.56 -4.99 11.69
CA ASP B 105 -31.86 -5.61 12.02
C ASP B 105 -31.63 -6.73 13.05
N THR B 106 -30.64 -6.57 13.91
CA THR B 106 -30.30 -7.52 15.02
C THR B 106 -29.51 -6.76 16.11
N ASP B 107 -29.59 -7.24 17.35
CA ASP B 107 -28.81 -6.72 18.51
C ASP B 107 -27.44 -7.39 18.56
N ASP B 108 -27.29 -8.54 17.89
CA ASP B 108 -26.03 -9.34 17.84
C ASP B 108 -25.13 -8.76 16.75
N VAL B 109 -24.50 -7.62 17.01
CA VAL B 109 -23.56 -6.92 16.09
C VAL B 109 -22.21 -6.76 16.80
N PRO B 110 -21.10 -7.31 16.25
CA PRO B 110 -19.77 -7.08 16.80
C PRO B 110 -19.50 -5.57 16.94
N MET B 111 -19.17 -5.15 18.17
CA MET B 111 -19.10 -3.71 18.54
C MET B 111 -18.21 -3.55 19.78
N ILE B 112 -17.49 -2.44 19.86
CA ILE B 112 -16.67 -2.06 21.03
C ILE B 112 -16.81 -0.55 21.26
N LEU B 113 -17.07 -0.16 22.51
CA LEU B 113 -17.08 1.25 22.97
C LEU B 113 -15.65 1.61 23.35
N VAL B 114 -15.12 2.69 22.76
CA VAL B 114 -13.70 3.12 22.95
C VAL B 114 -13.69 4.56 23.46
N GLY B 115 -13.27 4.75 24.72
CA GLY B 115 -12.93 6.06 25.29
C GLY B 115 -11.48 6.40 24.99
N ASN B 116 -11.23 7.22 23.97
CA ASN B 116 -9.87 7.54 23.48
C ASN B 116 -9.31 8.76 24.22
N LYS B 117 -7.99 8.96 24.12
CA LYS B 117 -7.23 10.11 24.68
C LYS B 117 -7.09 9.93 26.19
N CYS B 118 -7.00 8.68 26.67
CA CYS B 118 -6.87 8.33 28.11
C CYS B 118 -5.51 8.77 28.66
N ASP B 119 -4.60 9.23 27.78
CA ASP B 119 -3.31 9.87 28.15
C ASP B 119 -3.57 11.29 28.65
N LEU B 120 -4.68 11.93 28.23
CA LEU B 120 -5.09 13.28 28.71
C LEU B 120 -5.94 13.13 29.99
N GLU B 121 -5.39 12.45 31.01
CA GLU B 121 -6.08 12.15 32.29
C GLU B 121 -6.60 13.44 32.94
N ASP B 122 -5.80 14.50 32.91
CA ASP B 122 -6.11 15.83 33.55
C ASP B 122 -7.36 16.44 32.90
N GLU B 123 -7.48 16.34 31.57
CA GLU B 123 -8.54 17.03 30.77
C GLU B 123 -9.81 16.17 30.71
N ARG B 124 -9.84 15.04 31.43
CA ARG B 124 -10.96 14.05 31.43
C ARG B 124 -12.26 14.73 31.87
N VAL B 125 -13.25 14.79 30.96
CA VAL B 125 -14.64 15.26 31.25
C VAL B 125 -15.53 14.03 31.49
N VAL B 126 -15.30 12.94 30.76
CA VAL B 126 -16.09 11.68 30.86
C VAL B 126 -15.33 10.68 31.76
N GLY B 127 -15.99 10.20 32.82
CA GLY B 127 -15.41 9.23 33.77
C GLY B 127 -15.35 7.83 33.19
N LYS B 128 -14.37 7.04 33.62
CA LYS B 128 -14.18 5.63 33.19
C LYS B 128 -15.43 4.82 33.56
N GLU B 129 -16.04 5.12 34.70
CA GLU B 129 -17.22 4.40 35.24
C GLU B 129 -18.45 4.70 34.36
N GLN B 130 -18.55 5.92 33.85
CA GLN B 130 -19.65 6.37 32.95
C GLN B 130 -19.54 5.59 31.64
N GLY B 131 -18.32 5.38 31.14
CA GLY B 131 -18.03 4.54 29.96
C GLY B 131 -18.43 3.10 30.18
N GLN B 132 -18.00 2.51 31.30
CA GLN B 132 -18.34 1.12 31.72
C GLN B 132 -19.86 1.00 31.85
N ASN B 133 -20.51 2.00 32.47
CA ASN B 133 -21.99 2.07 32.67
C ASN B 133 -22.69 1.97 31.32
N LEU B 134 -22.27 2.77 30.32
CA LEU B 134 -22.88 2.81 28.97
C LEU B 134 -22.76 1.43 28.31
N ALA B 135 -21.58 0.81 28.38
CA ALA B 135 -21.27 -0.49 27.73
C ALA B 135 -22.17 -1.60 28.28
N ARG B 136 -22.35 -1.64 29.61
CA ARG B 136 -23.24 -2.61 30.30
C ARG B 136 -24.67 -2.44 29.74
N GLN B 137 -25.17 -1.21 29.72
CA GLN B 137 -26.50 -0.82 29.16
C GLN B 137 -26.63 -1.36 27.73
N TRP B 138 -25.55 -1.33 26.95
CA TRP B 138 -25.51 -1.83 25.54
C TRP B 138 -25.36 -3.35 25.50
N ASN B 139 -26.12 -4.10 26.32
CA ASN B 139 -26.16 -5.58 26.29
C ASN B 139 -24.75 -6.14 26.59
N ASN B 140 -24.06 -5.57 27.58
CA ASN B 140 -22.72 -6.00 28.04
C ASN B 140 -21.70 -5.84 26.91
N CYS B 141 -21.79 -4.72 26.18
CA CYS B 141 -20.87 -4.35 25.06
C CYS B 141 -19.42 -4.32 25.56
N ALA B 142 -18.47 -4.73 24.71
CA ALA B 142 -17.03 -4.61 24.98
C ALA B 142 -16.68 -3.14 25.19
N PHE B 143 -15.78 -2.85 26.14
CA PHE B 143 -15.35 -1.47 26.50
C PHE B 143 -13.84 -1.45 26.76
N LEU B 144 -13.17 -0.44 26.21
CA LEU B 144 -11.73 -0.14 26.46
C LEU B 144 -11.56 1.37 26.57
N GLU B 145 -10.67 1.81 27.45
CA GLU B 145 -10.07 3.17 27.40
C GLU B 145 -8.73 3.03 26.66
N SER B 146 -8.50 3.88 25.65
CA SER B 146 -7.36 3.77 24.71
C SER B 146 -6.61 5.10 24.61
N SER B 147 -5.40 5.06 24.06
CA SER B 147 -4.57 6.23 23.70
C SER B 147 -3.79 5.94 22.41
N ALA B 148 -4.08 6.67 21.35
CA ALA B 148 -3.38 6.59 20.04
C ALA B 148 -1.94 7.09 20.20
N LYS B 149 -1.72 8.02 21.14
CA LYS B 149 -0.39 8.65 21.41
C LYS B 149 0.47 7.68 22.23
N SER B 150 -0.06 7.17 23.35
CA SER B 150 0.66 6.32 24.32
C SER B 150 0.68 4.85 23.85
N LYS B 151 -0.20 4.46 22.92
CA LYS B 151 -0.32 3.09 22.37
C LYS B 151 -0.78 2.15 23.49
N ILE B 152 -1.86 2.53 24.18
CA ILE B 152 -2.57 1.68 25.19
C ILE B 152 -3.88 1.18 24.56
N ASN B 153 -4.08 -0.14 24.55
CA ASN B 153 -5.33 -0.82 24.10
C ASN B 153 -5.67 -0.44 22.66
N VAL B 154 -4.67 -0.08 21.84
CA VAL B 154 -4.88 0.26 20.41
C VAL B 154 -5.18 -1.04 19.64
N ASN B 155 -4.27 -2.01 19.73
CA ASN B 155 -4.38 -3.32 19.04
C ASN B 155 -5.63 -4.06 19.53
N GLU B 156 -5.90 -3.97 20.83
CA GLU B 156 -6.99 -4.72 21.52
C GLU B 156 -8.36 -4.33 20.95
N ILE B 157 -8.52 -3.08 20.50
CA ILE B 157 -9.78 -2.59 19.85
C ILE B 157 -10.11 -3.51 18.68
N PHE B 158 -9.15 -3.71 17.77
CA PHE B 158 -9.34 -4.41 16.48
C PHE B 158 -9.36 -5.93 16.70
N TYR B 159 -8.49 -6.43 17.58
CA TYR B 159 -8.44 -7.87 17.97
C TYR B 159 -9.79 -8.31 18.56
N ASP B 160 -10.38 -7.48 19.43
CA ASP B 160 -11.66 -7.81 20.11
C ASP B 160 -12.78 -7.92 19.07
N LEU B 161 -12.80 -7.03 18.07
CA LEU B 161 -13.84 -7.04 16.99
C LEU B 161 -13.72 -8.32 16.17
N VAL B 162 -12.50 -8.74 15.83
CA VAL B 162 -12.23 -9.98 15.05
C VAL B 162 -12.78 -11.18 15.83
N ARG B 163 -12.51 -11.24 17.14
CA ARG B 163 -12.98 -12.32 18.05
C ARG B 163 -14.51 -12.33 18.09
N GLN B 164 -15.14 -11.15 18.17
CA GLN B 164 -16.63 -11.00 18.18
C GLN B 164 -17.20 -11.49 16.85
N ILE B 165 -16.56 -11.18 15.73
CA ILE B 165 -17.02 -11.60 14.37
C ILE B 165 -16.90 -13.12 14.24
N ASN B 166 -15.90 -13.73 14.88
CA ASN B 166 -15.59 -15.18 14.80
C ASN B 166 -16.64 -16.02 15.56
N ARG B 167 -17.32 -15.44 16.56
CA ARG B 167 -18.31 -16.17 17.41
C ARG B 167 -19.64 -16.29 16.66
N1 N0G C . 6.52 11.18 -20.50
C4 N0G C . 6.00 7.30 -16.13
C5 N0G C . 6.65 8.43 -16.68
C6 N0G C . 6.56 8.71 -18.07
C7 N0G C . 7.40 9.30 -15.84
C8 N0G C . 8.04 10.38 -16.35
C10 N0G C . 7.23 9.88 -18.59
C13 N0G C . 5.59 13.01 -19.23
C15 N0G C . 6.76 15.12 -19.06
C17 N0G C . 7.72 13.32 -20.33
C20 N0G C . 1.42 11.01 -20.68
C21 N0G C . 2.57 9.99 -18.69
C22 N0G C . 0.81 12.24 -20.44
C24 N0G C . -1.01 11.65 -21.88
C26 N0G C . 0.80 10.12 -21.54
C1 N0G C . 5.80 7.82 -18.86
C2 N0G C . 5.16 6.73 -18.30
C3 N0G C . 5.27 6.47 -16.94
C9 N0G C . 7.97 10.68 -17.72
O1 N0G C . 8.63 11.78 -18.13
C11 N0G C . 7.20 10.20 -20.00
C12 N0G C . 6.63 12.51 -20.03
C14 N0G C . 5.67 14.32 -18.76
C16 N0G C . 7.77 14.61 -19.84
C18 N0G C . 4.38 12.18 -18.89
N2 N0G C . 3.59 11.87 -19.93
O2 N0G C . 4.17 11.81 -17.74
C19 N0G C . 2.76 10.67 -20.04
C23 N0G C . -0.40 12.56 -21.04
C25 N0G C . -0.42 10.44 -22.13
MG MG D . -10.39 11.10 10.94
PG GNP E . -12.55 13.29 11.99
O1G GNP E . -11.94 12.49 10.86
O2G GNP E . -13.87 12.69 12.35
O3G GNP E . -12.77 14.70 11.48
N3B GNP E . -11.52 13.26 13.25
PB GNP E . -10.89 11.92 13.93
O1B GNP E . -10.18 11.07 12.90
O2B GNP E . -11.86 11.23 14.87
O3A GNP E . -9.71 12.46 14.86
PA GNP E . -8.15 12.48 14.56
O1A GNP E . -7.67 11.06 14.53
O2A GNP E . -7.92 13.34 13.37
O5' GNP E . -7.57 13.20 15.88
C5' GNP E . -7.97 14.56 16.13
C4' GNP E . -6.90 15.25 16.96
O4' GNP E . -6.80 14.56 18.23
C3' GNP E . -5.50 15.25 16.37
O3' GNP E . -4.82 16.47 16.66
C2' GNP E . -4.82 14.05 17.06
O2' GNP E . -3.42 14.18 17.18
C1' GNP E . -5.48 14.09 18.42
N9 GNP E . -5.55 12.80 19.08
C8 GNP E . -6.16 11.66 18.59
N7 GNP E . -6.05 10.63 19.40
C5 GNP E . -5.33 11.12 20.48
C6 GNP E . -4.91 10.47 21.67
O6 GNP E . -5.10 9.29 22.00
N1 GNP E . -4.21 11.34 22.50
C2 GNP E . -3.94 12.66 22.23
N2 GNP E . -3.24 13.34 23.16
N3 GNP E . -4.33 13.28 21.12
C4 GNP E . -5.02 12.45 20.30
#